data_9DC8
#
_entry.id   9DC8
#
_cell.length_a   89.586
_cell.length_b   89.586
_cell.length_c   85.905
_cell.angle_alpha   90.00
_cell.angle_beta   90.00
_cell.angle_gamma   90.00
#
_symmetry.space_group_name_H-M   'I 4'
#
loop_
_entity.id
_entity.type
_entity.pdbx_description
1 polymer "Inosine-5'-monophosphate dehydrogenase"
2 non-polymer 'INOSINIC ACID'
3 non-polymer N-(6-chloropyridin-3-yl)-N~2~-(1,4-dihydro-2H-pyrano[3,4-c]quinolin-9-yl)-L-alaninamide
4 non-polymer 'SULFATE ION'
5 water water
#
_entity_poly.entity_id   1
_entity_poly.type   'polypeptide(L)'
_entity_poly.pdbx_seq_one_letter_code
;MHHHHHHGENLYFQGSSRGMSGLEDSSDLVVSPYVRMGGLTTDPVPTGGDDPHKVAMLGLTFDDVLLLPAASDVVPATAD
TSSQLTKKIRLKVPLVSSAMDTVTESRMAIAMARAGGMGVLHRNLPVAEQAGQVEMVKRSGGLLVGAAVGVGGDAWVRAM
MLVDAGVDVLVVDTAHAHNRLVLDMVGKLKSEVGDRVEVVGGNVATRSAAAALVDAGADAVKVGVGPGSICTTRVVAGVG
APQITAILEAVAACRPAGVPVIADGGLQYSGDIAKALAAGASTAMLGSLLAGTAEAPGELIFVNGKQYKSYRGMGSLGAM
RGRGGATSYSKDRYFADDALSEDKLVPEGIEGRVPFRGPLSSVIHQLTGGLRAAMGYTGSPTIEVLQQAQFVRITPAGLK
ESHPHDVAMTVEAPNYYARGNS
;
_entity_poly.pdbx_strand_id   A
#
loop_
_chem_comp.id
_chem_comp.type
_chem_comp.name
_chem_comp.formula
IMP non-polymer 'INOSINIC ACID' 'C10 H13 N4 O8 P'
SO4 non-polymer 'SULFATE ION' 'O4 S -2'
VOA non-polymer N-(6-chloropyridin-3-yl)-N~2~-(1,4-dihydro-2H-pyrano[3,4-c]quinolin-9-yl)-L-alaninamide 'C20 H19 Cl N4 O2'
#
# COMPACT_ATOMS: atom_id res chain seq x y z
N THR A 42 -2.07 45.73 3.59
CA THR A 42 -2.66 44.41 3.77
C THR A 42 -1.80 43.54 4.69
N ASP A 43 -2.47 42.80 5.57
CA ASP A 43 -1.78 42.05 6.62
C ASP A 43 -1.11 40.80 6.06
N PRO A 44 -0.02 40.35 6.67
CA PRO A 44 0.66 39.15 6.18
C PRO A 44 -0.10 37.89 6.53
N VAL A 45 0.23 36.82 5.80
CA VAL A 45 -0.23 35.49 6.20
C VAL A 45 0.37 35.17 7.57
N PRO A 46 -0.38 34.60 8.51
CA PRO A 46 0.14 34.47 9.88
C PRO A 46 1.38 33.59 10.00
N THR A 47 1.65 32.69 9.04
CA THR A 47 2.88 31.90 9.03
C THR A 47 3.98 32.49 8.15
N GLY A 48 3.76 33.65 7.53
CA GLY A 48 4.82 34.35 6.82
C GLY A 48 4.59 34.61 5.35
N GLY A 49 5.08 35.75 4.86
CA GLY A 49 4.88 36.18 3.49
C GLY A 49 3.46 36.70 3.24
N ASP A 50 3.18 36.98 1.96
CA ASP A 50 1.88 37.54 1.55
C ASP A 50 1.09 36.59 0.65
N ASP A 51 1.55 35.35 0.44
CA ASP A 51 0.91 34.40 -0.45
C ASP A 51 0.16 33.37 0.36
N PRO A 52 -1.18 33.40 0.40
CA PRO A 52 -1.92 32.43 1.23
C PRO A 52 -1.90 31.00 0.72
N HIS A 53 -1.33 30.75 -0.46
CA HIS A 53 -1.24 29.39 -1.00
C HIS A 53 0.16 28.80 -0.95
N LYS A 54 1.13 29.53 -0.38
CA LYS A 54 2.50 29.00 -0.30
C LYS A 54 2.57 27.77 0.62
N VAL A 55 1.91 27.84 1.78
CA VAL A 55 1.65 26.67 2.62
C VAL A 55 0.22 26.27 2.28
N ALA A 56 0.08 25.24 1.44
CA ALA A 56 -1.17 24.99 0.72
C ALA A 56 -2.20 24.16 1.48
N MET A 57 -1.76 23.33 2.43
N MET A 57 -1.78 23.31 2.40
CA MET A 57 -2.63 22.37 3.10
CA MET A 57 -2.70 22.44 3.13
C MET A 57 -2.09 22.10 4.50
C MET A 57 -2.10 22.07 4.47
N LEU A 58 -2.95 21.53 5.36
CA LEU A 58 -2.54 20.94 6.64
C LEU A 58 -2.68 19.42 6.48
N GLY A 59 -1.55 18.69 6.47
CA GLY A 59 -1.57 17.27 6.18
C GLY A 59 -1.71 16.41 7.43
N LEU A 60 -2.67 15.47 7.39
CA LEU A 60 -2.92 14.52 8.48
C LEU A 60 -2.41 13.13 8.11
N THR A 61 -1.83 12.43 9.09
CA THR A 61 -1.41 11.03 8.94
C THR A 61 -2.35 10.14 9.77
N PHE A 62 -2.08 8.81 9.77
CA PHE A 62 -2.99 7.87 10.44
C PHE A 62 -3.13 8.20 11.94
N ASP A 63 -2.03 8.51 12.61
CA ASP A 63 -2.07 8.79 14.06
C ASP A 63 -2.83 10.08 14.41
N ASP A 64 -3.16 10.93 13.44
CA ASP A 64 -3.92 12.17 13.69
C ASP A 64 -5.44 11.97 13.83
N VAL A 65 -6.00 10.78 13.48
CA VAL A 65 -7.45 10.61 13.42
C VAL A 65 -7.86 9.28 14.06
N LEU A 66 -9.12 9.24 14.53
CA LEU A 66 -9.82 8.00 14.90
C LEU A 66 -11.18 7.95 14.20
N LEU A 67 -11.68 6.73 13.97
CA LEU A 67 -13.02 6.55 13.41
C LEU A 67 -14.09 6.70 14.49
N LEU A 68 -15.15 7.48 14.20
CA LEU A 68 -16.24 7.65 15.17
C LEU A 68 -17.21 6.47 15.13
N PRO A 69 -17.61 5.94 16.29
CA PRO A 69 -18.71 4.95 16.29
C PRO A 69 -20.00 5.54 15.74
N ALA A 70 -20.85 4.68 15.17
CA ALA A 70 -22.10 5.11 14.55
C ALA A 70 -23.18 4.04 14.72
N ALA A 71 -24.42 4.40 14.41
CA ALA A 71 -25.54 3.47 14.49
C ALA A 71 -25.25 2.22 13.66
N SER A 72 -25.52 1.02 14.23
CA SER A 72 -25.05 -0.23 13.63
C SER A 72 -26.00 -1.40 13.80
N ASP A 73 -26.16 -2.16 12.71
CA ASP A 73 -26.75 -3.50 12.72
C ASP A 73 -25.72 -4.56 12.31
N VAL A 74 -24.44 -4.26 12.46
CA VAL A 74 -23.32 -5.10 12.02
C VAL A 74 -22.55 -5.55 13.25
N VAL A 75 -22.20 -6.83 13.32
CA VAL A 75 -21.23 -7.34 14.29
C VAL A 75 -20.05 -7.88 13.48
N PRO A 76 -18.87 -8.05 14.08
CA PRO A 76 -17.70 -8.39 13.26
C PRO A 76 -17.90 -9.62 12.40
N ALA A 77 -18.68 -10.60 12.88
CA ALA A 77 -18.87 -11.85 12.15
C ALA A 77 -19.67 -11.68 10.86
N THR A 78 -20.52 -10.66 10.77
CA THR A 78 -21.40 -10.57 9.61
C THR A 78 -20.90 -9.57 8.56
N ALA A 79 -19.80 -8.87 8.83
CA ALA A 79 -19.24 -7.95 7.85
C ALA A 79 -18.70 -8.68 6.62
N ASP A 80 -18.75 -7.99 5.47
CA ASP A 80 -18.22 -8.48 4.18
C ASP A 80 -17.02 -7.62 3.79
N THR A 81 -15.83 -8.22 3.75
CA THR A 81 -14.58 -7.48 3.54
C THR A 81 -14.13 -7.38 2.07
N SER A 82 -14.92 -7.85 1.11
CA SER A 82 -14.46 -7.81 -0.30
C SER A 82 -14.39 -6.38 -0.84
N SER A 83 -13.51 -6.18 -1.84
CA SER A 83 -13.30 -4.84 -2.39
C SER A 83 -12.54 -4.91 -3.71
N GLN A 84 -12.72 -3.88 -4.55
CA GLN A 84 -12.03 -3.82 -5.84
C GLN A 84 -10.54 -3.48 -5.70
N LEU A 85 -9.68 -4.32 -6.28
CA LEU A 85 -8.29 -3.96 -6.51
C LEU A 85 -8.13 -3.06 -7.74
N THR A 86 -8.77 -3.43 -8.85
CA THR A 86 -8.75 -2.65 -10.09
C THR A 86 -10.17 -2.61 -10.64
N LYS A 87 -10.35 -1.95 -11.79
CA LYS A 87 -11.69 -1.89 -12.38
C LYS A 87 -12.31 -3.28 -12.52
N LYS A 88 -11.51 -4.28 -12.93
CA LYS A 88 -12.05 -5.60 -13.26
C LYS A 88 -11.76 -6.69 -12.23
N ILE A 89 -10.90 -6.47 -11.25
CA ILE A 89 -10.52 -7.51 -10.29
C ILE A 89 -11.00 -7.14 -8.89
N ARG A 90 -11.77 -8.03 -8.25
CA ARG A 90 -12.23 -7.88 -6.86
C ARG A 90 -11.58 -8.95 -5.99
N LEU A 91 -11.14 -8.56 -4.79
CA LEU A 91 -10.51 -9.45 -3.82
C LEU A 91 -11.46 -9.76 -2.66
N LYS A 92 -11.28 -10.93 -2.04
CA LYS A 92 -12.06 -11.28 -0.85
C LYS A 92 -11.56 -10.56 0.42
N VAL A 93 -10.26 -10.28 0.49
CA VAL A 93 -9.62 -9.53 1.57
C VAL A 93 -8.86 -8.38 0.92
N PRO A 94 -9.01 -7.10 1.39
CA PRO A 94 -8.53 -5.94 0.62
C PRO A 94 -7.07 -5.55 0.88
N LEU A 95 -6.16 -6.53 0.75
CA LEU A 95 -4.76 -6.39 1.13
C LEU A 95 -3.83 -6.97 0.05
N VAL A 96 -2.76 -6.24 -0.28
N VAL A 96 -2.74 -6.27 -0.22
CA VAL A 96 -1.73 -6.74 -1.18
CA VAL A 96 -1.73 -6.71 -1.19
C VAL A 96 -0.36 -6.53 -0.55
C VAL A 96 -0.35 -6.50 -0.60
N SER A 97 0.58 -7.41 -0.90
CA SER A 97 1.96 -7.31 -0.38
C SER A 97 2.88 -6.48 -1.28
N SER A 98 3.81 -5.74 -0.65
CA SER A 98 4.69 -4.80 -1.35
C SER A 98 5.65 -5.48 -2.33
N ALA A 99 6.01 -4.75 -3.39
CA ALA A 99 6.93 -5.24 -4.41
C ALA A 99 8.38 -4.97 -3.99
N MET A 100 8.83 -5.75 -3.00
CA MET A 100 10.13 -5.56 -2.36
C MET A 100 10.85 -6.90 -2.22
N ASP A 101 12.18 -6.89 -2.36
CA ASP A 101 12.95 -8.14 -2.36
C ASP A 101 13.15 -8.73 -0.96
N THR A 102 12.61 -8.11 0.09
CA THR A 102 12.49 -8.74 1.40
C THR A 102 11.03 -8.99 1.79
N VAL A 103 10.09 -8.90 0.86
CA VAL A 103 8.66 -9.12 1.14
C VAL A 103 8.02 -10.15 0.19
N THR A 104 8.10 -9.96 -1.13
CA THR A 104 7.28 -10.78 -2.05
C THR A 104 8.09 -11.45 -3.16
N GLU A 105 8.28 -12.77 -3.03
CA GLU A 105 8.58 -13.66 -4.15
C GLU A 105 7.49 -14.73 -4.24
N SER A 106 7.72 -15.87 -4.90
CA SER A 106 6.60 -16.78 -5.21
C SER A 106 5.89 -17.30 -3.97
N ARG A 107 6.64 -17.66 -2.92
CA ARG A 107 5.98 -18.23 -1.73
C ARG A 107 5.01 -17.24 -1.08
N MET A 108 5.40 -15.96 -0.99
CA MET A 108 4.48 -14.95 -0.44
C MET A 108 3.29 -14.73 -1.35
N ALA A 109 3.52 -14.71 -2.68
CA ALA A 109 2.41 -14.49 -3.60
C ALA A 109 1.39 -15.62 -3.53
N ILE A 110 1.84 -16.87 -3.39
CA ILE A 110 0.90 -17.98 -3.26
C ILE A 110 0.09 -17.86 -1.98
N ALA A 111 0.76 -17.55 -0.86
CA ALA A 111 0.06 -17.47 0.43
C ALA A 111 -0.95 -16.33 0.46
N MET A 112 -0.58 -15.17 -0.10
CA MET A 112 -1.51 -14.03 -0.15
C MET A 112 -2.75 -14.37 -0.96
N ALA A 113 -2.59 -15.04 -2.11
CA ALA A 113 -3.76 -15.36 -2.93
C ALA A 113 -4.67 -16.37 -2.24
N ARG A 114 -4.09 -17.36 -1.56
CA ARG A 114 -4.92 -18.34 -0.84
C ARG A 114 -5.65 -17.72 0.35
N ALA A 115 -5.10 -16.64 0.93
CA ALA A 115 -5.73 -15.93 2.03
C ALA A 115 -6.81 -14.95 1.58
N GLY A 116 -7.02 -14.80 0.27
CA GLY A 116 -8.02 -13.88 -0.26
C GLY A 116 -7.49 -12.56 -0.78
N GLY A 117 -6.19 -12.29 -0.67
CA GLY A 117 -5.58 -11.08 -1.20
C GLY A 117 -4.72 -11.32 -2.44
N MET A 118 -3.57 -10.63 -2.57
CA MET A 118 -2.72 -10.80 -3.74
C MET A 118 -1.31 -10.30 -3.42
N GLY A 119 -0.31 -10.86 -4.11
CA GLY A 119 1.06 -10.39 -4.02
C GLY A 119 1.48 -9.68 -5.30
N VAL A 120 2.39 -8.69 -5.16
CA VAL A 120 3.06 -8.06 -6.29
C VAL A 120 4.55 -8.44 -6.24
N LEU A 121 5.00 -9.24 -7.21
CA LEU A 121 6.40 -9.69 -7.28
C LEU A 121 7.36 -8.53 -7.55
N HIS A 122 8.47 -8.49 -6.80
CA HIS A 122 9.48 -7.44 -6.96
C HIS A 122 10.25 -7.62 -8.27
N ARG A 123 10.99 -6.56 -8.67
CA ARG A 123 11.66 -6.50 -9.97
C ARG A 123 13.18 -6.32 -9.87
N ASN A 124 13.79 -6.63 -8.72
CA ASN A 124 15.24 -6.55 -8.54
C ASN A 124 15.90 -7.91 -8.81
N LEU A 125 15.64 -8.43 -10.03
CA LEU A 125 16.18 -9.72 -10.48
C LEU A 125 16.02 -9.84 -11.98
N PRO A 126 16.68 -10.80 -12.63
CA PRO A 126 16.61 -10.88 -14.10
C PRO A 126 15.18 -11.12 -14.59
N VAL A 127 14.93 -10.65 -15.81
CA VAL A 127 13.59 -10.80 -16.41
C VAL A 127 13.15 -12.26 -16.40
N ALA A 128 14.04 -13.15 -16.83
CA ALA A 128 13.68 -14.58 -16.91
C ALA A 128 13.34 -15.16 -15.54
N GLU A 129 13.96 -14.65 -14.47
CA GLU A 129 13.64 -15.14 -13.12
C GLU A 129 12.29 -14.64 -12.64
N GLN A 130 11.95 -13.36 -12.91
CA GLN A 130 10.66 -12.82 -12.49
C GLN A 130 9.52 -13.48 -13.25
N ALA A 131 9.69 -13.73 -14.54
CA ALA A 131 8.67 -14.45 -15.29
C ALA A 131 8.51 -15.88 -14.80
N GLY A 132 9.61 -16.52 -14.38
CA GLY A 132 9.51 -17.87 -13.85
C GLY A 132 8.74 -17.93 -12.55
N GLN A 133 8.83 -16.89 -11.72
CA GLN A 133 8.07 -16.87 -10.49
C GLN A 133 6.58 -16.68 -10.76
N VAL A 134 6.23 -15.92 -11.79
CA VAL A 134 4.83 -15.84 -12.21
C VAL A 134 4.30 -17.23 -12.55
N GLU A 135 5.09 -18.03 -13.28
CA GLU A 135 4.64 -19.37 -13.67
C GLU A 135 4.45 -20.25 -12.45
N MET A 136 5.37 -20.18 -11.48
CA MET A 136 5.23 -21.01 -10.28
C MET A 136 3.92 -20.72 -9.57
N VAL A 137 3.53 -19.45 -9.49
CA VAL A 137 2.26 -19.10 -8.84
C VAL A 137 1.09 -19.69 -9.63
N LYS A 138 1.13 -19.54 -10.96
CA LYS A 138 0.02 -20.02 -11.78
C LYS A 138 -0.10 -21.54 -11.74
N ARG A 139 1.01 -22.25 -11.53
CA ARG A 139 0.98 -23.70 -11.45
C ARG A 139 0.41 -24.21 -10.12
N SER A 140 0.14 -23.30 -9.17
CA SER A 140 -0.35 -23.67 -7.85
C SER A 140 -1.87 -23.49 -7.70
N GLY A 141 -2.60 -23.49 -8.81
CA GLY A 141 -4.05 -23.44 -8.75
C GLY A 141 -4.70 -22.29 -9.48
N GLY A 142 -3.99 -21.66 -10.41
CA GLY A 142 -4.56 -20.53 -11.12
C GLY A 142 -4.83 -19.33 -10.23
N LEU A 143 -4.04 -19.14 -9.19
CA LEU A 143 -4.18 -18.02 -8.27
C LEU A 143 -3.88 -16.70 -8.98
N LEU A 144 -4.44 -15.61 -8.46
CA LEU A 144 -4.14 -14.25 -8.95
C LEU A 144 -2.73 -13.82 -8.56
N VAL A 145 -2.07 -13.05 -9.45
CA VAL A 145 -0.74 -12.52 -9.14
C VAL A 145 -0.46 -11.24 -9.95
N GLY A 146 0.31 -10.32 -9.32
CA GLY A 146 0.82 -9.15 -9.99
C GLY A 146 2.35 -9.11 -10.01
N ALA A 147 2.91 -8.18 -10.81
CA ALA A 147 4.36 -8.01 -10.92
C ALA A 147 4.72 -6.56 -11.25
N ALA A 148 5.82 -6.07 -10.69
CA ALA A 148 6.28 -4.70 -10.91
C ALA A 148 7.19 -4.58 -12.14
N VAL A 149 7.05 -3.44 -12.84
CA VAL A 149 7.97 -3.05 -13.92
C VAL A 149 8.28 -1.56 -13.77
N GLY A 150 9.39 -1.14 -14.39
CA GLY A 150 9.82 0.27 -14.39
C GLY A 150 9.37 1.00 -15.63
N VAL A 151 10.22 1.92 -16.11
CA VAL A 151 9.93 2.75 -17.27
C VAL A 151 11.11 2.66 -18.25
N GLY A 152 10.83 2.41 -19.53
CA GLY A 152 11.85 2.38 -20.56
C GLY A 152 11.84 1.11 -21.38
N GLY A 153 12.92 0.91 -22.15
CA GLY A 153 12.97 -0.21 -23.08
C GLY A 153 13.16 -1.56 -22.40
N ASP A 154 14.03 -1.61 -21.39
CA ASP A 154 14.19 -2.86 -20.62
C ASP A 154 12.92 -3.20 -19.86
N ALA A 155 12.27 -2.21 -19.28
CA ALA A 155 10.98 -2.43 -18.62
C ALA A 155 9.93 -2.91 -19.60
N TRP A 156 10.02 -2.51 -20.87
CA TRP A 156 9.05 -2.95 -21.88
C TRP A 156 9.18 -4.45 -22.16
N VAL A 157 10.41 -4.90 -22.46
CA VAL A 157 10.65 -6.33 -22.65
C VAL A 157 10.24 -7.12 -21.41
N ARG A 158 10.53 -6.58 -20.21
CA ARG A 158 10.13 -7.25 -18.98
C ARG A 158 8.61 -7.41 -18.94
N ALA A 159 7.88 -6.33 -19.22
CA ALA A 159 6.42 -6.38 -19.21
C ALA A 159 5.89 -7.42 -20.20
N MET A 160 6.45 -7.47 -21.41
CA MET A 160 5.92 -8.41 -22.40
C MET A 160 6.12 -9.87 -21.95
N MET A 161 7.27 -10.16 -21.33
CA MET A 161 7.52 -11.52 -20.85
C MET A 161 6.58 -11.89 -19.70
N LEU A 162 6.30 -10.93 -18.82
CA LEU A 162 5.38 -11.20 -17.71
C LEU A 162 3.97 -11.51 -18.23
N VAL A 163 3.53 -10.79 -19.27
CA VAL A 163 2.22 -11.07 -19.86
C VAL A 163 2.19 -12.47 -20.47
N ASP A 164 3.24 -12.84 -21.20
CA ASP A 164 3.29 -14.17 -21.79
C ASP A 164 3.25 -15.27 -20.72
N ALA A 165 3.79 -14.99 -19.53
CA ALA A 165 3.80 -15.96 -18.45
C ALA A 165 2.46 -16.06 -17.72
N GLY A 166 1.51 -15.17 -18.01
CA GLY A 166 0.19 -15.24 -17.43
C GLY A 166 -0.13 -14.27 -16.30
N VAL A 167 0.65 -13.21 -16.13
CA VAL A 167 0.40 -12.31 -14.99
C VAL A 167 -0.97 -11.64 -15.16
N ASP A 168 -1.64 -11.38 -14.02
CA ASP A 168 -2.96 -10.75 -14.04
C ASP A 168 -2.91 -9.22 -13.97
N VAL A 169 -1.89 -8.65 -13.30
CA VAL A 169 -1.78 -7.20 -13.06
C VAL A 169 -0.32 -6.80 -13.25
N LEU A 170 -0.07 -5.78 -14.09
CA LEU A 170 1.22 -5.09 -14.15
C LEU A 170 1.16 -3.81 -13.31
N VAL A 171 2.19 -3.57 -12.49
CA VAL A 171 2.29 -2.37 -11.66
C VAL A 171 3.48 -1.53 -12.16
N VAL A 172 3.19 -0.39 -12.80
CA VAL A 172 4.24 0.56 -13.15
C VAL A 172 4.70 1.23 -11.86
N ASP A 173 5.95 0.96 -11.46
CA ASP A 173 6.44 1.08 -10.09
C ASP A 173 7.51 2.18 -10.02
N THR A 174 7.10 3.40 -9.63
CA THR A 174 8.01 4.54 -9.58
C THR A 174 7.83 5.35 -8.29
N ALA A 175 8.84 6.19 -8.03
CA ALA A 175 8.79 7.09 -6.88
C ALA A 175 7.96 8.36 -7.14
N HIS A 176 7.70 8.70 -8.41
CA HIS A 176 7.05 9.98 -8.75
C HIS A 176 6.35 9.80 -10.10
N ALA A 177 5.08 9.38 -10.05
CA ALA A 177 4.37 9.11 -11.30
C ALA A 177 3.87 10.35 -12.04
N HIS A 178 4.01 11.56 -11.47
CA HIS A 178 3.51 12.77 -12.13
C HIS A 178 4.50 13.26 -13.20
N ASN A 179 4.85 12.40 -14.15
CA ASN A 179 5.85 12.70 -15.18
C ASN A 179 5.36 12.11 -16.49
N ARG A 180 5.51 12.86 -17.58
CA ARG A 180 4.96 12.38 -18.85
C ARG A 180 5.57 11.04 -19.25
N LEU A 181 6.83 10.78 -18.86
CA LEU A 181 7.43 9.49 -19.19
C LEU A 181 6.75 8.33 -18.46
N VAL A 182 6.33 8.55 -17.20
CA VAL A 182 5.60 7.50 -16.49
C VAL A 182 4.18 7.39 -17.02
N LEU A 183 3.52 8.53 -17.24
CA LEU A 183 2.17 8.50 -17.81
C LEU A 183 2.18 7.84 -19.19
N ASP A 184 3.24 8.07 -19.99
CA ASP A 184 3.34 7.46 -21.30
C ASP A 184 3.43 5.94 -21.21
N MET A 185 4.22 5.43 -20.26
CA MET A 185 4.32 3.97 -20.08
C MET A 185 2.97 3.36 -19.74
N VAL A 186 2.21 3.99 -18.83
CA VAL A 186 0.88 3.47 -18.47
C VAL A 186 -0.01 3.41 -19.70
N GLY A 187 -0.05 4.49 -20.49
CA GLY A 187 -0.90 4.52 -21.66
C GLY A 187 -0.49 3.52 -22.74
N LYS A 188 0.81 3.37 -22.98
CA LYS A 188 1.26 2.43 -24.00
C LYS A 188 0.95 0.99 -23.61
N LEU A 189 1.12 0.63 -22.33
CA LEU A 189 0.79 -0.72 -21.88
C LEU A 189 -0.70 -0.98 -22.05
N LYS A 190 -1.54 -0.04 -21.62
CA LYS A 190 -2.98 -0.19 -21.80
C LYS A 190 -3.34 -0.34 -23.28
N SER A 191 -2.65 0.40 -24.16
CA SER A 191 -2.93 0.29 -25.58
C SER A 191 -2.57 -1.09 -26.13
N GLU A 192 -1.42 -1.63 -25.72
CA GLU A 192 -0.91 -2.84 -26.35
C GLU A 192 -1.51 -4.10 -25.75
N VAL A 193 -1.63 -4.16 -24.42
CA VAL A 193 -2.00 -5.42 -23.77
C VAL A 193 -3.18 -5.23 -22.83
N GLY A 194 -3.81 -4.05 -22.88
CA GLY A 194 -4.88 -3.72 -21.94
C GLY A 194 -6.09 -4.61 -22.02
N ASP A 195 -6.25 -5.35 -23.12
CA ASP A 195 -7.33 -6.31 -23.21
C ASP A 195 -7.04 -7.57 -22.40
N ARG A 196 -5.77 -7.89 -22.18
CA ARG A 196 -5.39 -9.11 -21.50
C ARG A 196 -5.00 -8.89 -20.03
N VAL A 197 -4.52 -7.71 -19.65
N VAL A 197 -4.56 -7.69 -19.66
CA VAL A 197 -4.03 -7.50 -18.29
CA VAL A 197 -3.99 -7.42 -18.35
C VAL A 197 -4.47 -6.13 -17.80
C VAL A 197 -4.52 -6.11 -17.81
N GLU A 198 -4.59 -6.00 -16.47
CA GLU A 198 -4.90 -4.73 -15.81
C GLU A 198 -3.60 -3.99 -15.49
N VAL A 199 -3.64 -2.65 -15.59
CA VAL A 199 -2.44 -1.81 -15.48
C VAL A 199 -2.64 -0.80 -14.34
N VAL A 200 -1.76 -0.87 -13.32
CA VAL A 200 -1.73 0.05 -12.17
C VAL A 200 -0.57 1.04 -12.36
N GLY A 201 -0.78 2.29 -11.95
CA GLY A 201 0.30 3.28 -11.94
C GLY A 201 0.47 3.93 -10.58
N GLY A 202 1.72 4.27 -10.24
CA GLY A 202 2.03 4.94 -8.97
C GLY A 202 3.52 5.27 -8.92
N ASN A 203 3.91 6.01 -7.87
CA ASN A 203 3.04 6.50 -6.78
C ASN A 203 2.77 8.00 -6.88
N VAL A 204 1.61 8.43 -6.34
CA VAL A 204 1.20 9.84 -6.33
C VAL A 204 0.77 10.24 -4.93
N ALA A 205 0.64 11.56 -4.72
CA ALA A 205 0.24 12.09 -3.42
C ALA A 205 -0.66 13.32 -3.52
N THR A 206 -1.14 13.68 -4.71
CA THR A 206 -1.96 14.86 -4.93
C THR A 206 -3.14 14.54 -5.84
N ARG A 207 -4.14 15.42 -5.78
CA ARG A 207 -5.31 15.35 -6.66
C ARG A 207 -4.92 15.48 -8.14
N SER A 208 -4.06 16.45 -8.47
N SER A 208 -4.05 16.44 -8.47
CA SER A 208 -3.68 16.66 -9.87
CA SER A 208 -3.66 16.64 -9.87
C SER A 208 -2.89 15.48 -10.43
C SER A 208 -2.91 15.43 -10.43
N ALA A 209 -2.05 14.83 -9.61
CA ALA A 209 -1.28 13.67 -10.10
C ALA A 209 -2.19 12.47 -10.30
N ALA A 210 -3.13 12.24 -9.38
CA ALA A 210 -4.12 11.17 -9.57
C ALA A 210 -4.93 11.39 -10.83
N ALA A 211 -5.38 12.63 -11.09
CA ALA A 211 -6.15 12.92 -12.28
C ALA A 211 -5.37 12.62 -13.57
N ALA A 212 -4.06 12.88 -13.55
CA ALA A 212 -3.24 12.61 -14.74
C ALA A 212 -3.14 11.11 -15.03
N LEU A 213 -3.05 10.28 -13.99
CA LEU A 213 -3.03 8.83 -14.19
C LEU A 213 -4.39 8.32 -14.68
N VAL A 214 -5.49 8.87 -14.17
CA VAL A 214 -6.82 8.53 -14.68
C VAL A 214 -6.91 8.81 -16.18
N ASP A 215 -6.46 10.00 -16.59
CA ASP A 215 -6.53 10.38 -18.01
C ASP A 215 -5.62 9.51 -18.88
N ALA A 216 -4.55 8.95 -18.31
CA ALA A 216 -3.67 8.08 -19.08
C ALA A 216 -4.23 6.66 -19.24
N GLY A 217 -5.29 6.32 -18.51
CA GLY A 217 -5.95 5.04 -18.63
C GLY A 217 -5.69 4.03 -17.53
N ALA A 218 -5.18 4.47 -16.38
CA ALA A 218 -4.87 3.55 -15.30
C ALA A 218 -6.12 2.80 -14.83
N ASP A 219 -5.95 1.51 -14.51
CA ASP A 219 -7.03 0.71 -13.95
C ASP A 219 -7.12 0.80 -12.43
N ALA A 220 -6.10 1.36 -11.78
CA ALA A 220 -6.03 1.69 -10.35
C ALA A 220 -4.87 2.65 -10.16
N VAL A 221 -4.94 3.46 -9.09
CA VAL A 221 -3.96 4.50 -8.78
C VAL A 221 -3.40 4.23 -7.39
N LYS A 222 -2.06 4.16 -7.28
CA LYS A 222 -1.40 3.84 -6.01
C LYS A 222 -0.84 5.11 -5.35
N VAL A 223 -1.18 5.32 -4.07
CA VAL A 223 -0.93 6.57 -3.35
C VAL A 223 0.10 6.35 -2.24
N GLY A 224 1.14 7.19 -2.22
CA GLY A 224 2.17 7.17 -1.18
C GLY A 224 3.51 7.74 -1.63
N VAL A 225 3.82 9.00 -1.30
CA VAL A 225 5.14 9.57 -1.56
C VAL A 225 5.73 9.95 -0.20
N GLY A 226 6.65 9.14 0.31
CA GLY A 226 7.31 9.42 1.58
C GLY A 226 6.89 8.68 2.86
N PRO A 227 5.76 7.96 2.90
CA PRO A 227 5.25 7.46 4.20
C PRO A 227 5.83 6.14 4.70
N GLY A 228 6.59 5.40 3.90
CA GLY A 228 7.00 4.05 4.28
C GLY A 228 7.90 4.01 5.50
N SER A 229 7.81 2.88 6.23
CA SER A 229 8.56 2.72 7.47
C SER A 229 10.08 2.77 7.25
N ILE A 230 10.56 2.34 6.08
CA ILE A 230 11.98 2.33 5.77
C ILE A 230 12.38 3.50 4.86
N CYS A 231 11.52 4.50 4.72
CA CYS A 231 11.76 5.61 3.80
C CYS A 231 12.58 6.72 4.45
N THR A 232 13.51 7.28 3.69
CA THR A 232 14.21 8.50 4.10
C THR A 232 14.04 9.65 3.11
N THR A 233 13.16 9.52 2.10
CA THR A 233 12.84 10.63 1.20
C THR A 233 12.51 11.92 1.95
N ARG A 234 11.78 11.81 3.07
CA ARG A 234 11.35 13.01 3.78
C ARG A 234 12.52 13.81 4.36
N VAL A 235 13.61 13.14 4.75
N VAL A 235 13.61 13.13 4.72
CA VAL A 235 14.76 13.89 5.27
CA VAL A 235 14.78 13.79 5.30
C VAL A 235 15.83 14.13 4.22
C VAL A 235 15.84 14.10 4.25
N VAL A 236 15.97 13.23 3.23
CA VAL A 236 16.99 13.39 2.19
C VAL A 236 16.58 14.46 1.18
N ALA A 237 15.33 14.42 0.72
CA ALA A 237 14.83 15.39 -0.25
C ALA A 237 13.95 16.47 0.38
N GLY A 238 13.43 16.26 1.59
CA GLY A 238 12.48 17.19 2.18
C GLY A 238 11.08 17.17 1.57
N VAL A 239 10.72 16.07 0.90
CA VAL A 239 9.51 15.93 0.08
C VAL A 239 8.60 14.89 0.70
N GLY A 240 7.30 15.15 0.73
CA GLY A 240 6.34 14.14 1.15
C GLY A 240 4.94 14.71 1.32
N ALA A 241 4.04 13.84 1.78
CA ALA A 241 2.65 14.20 2.02
C ALA A 241 2.00 13.24 3.03
N PRO A 242 1.58 13.72 4.20
CA PRO A 242 0.89 12.84 5.16
C PRO A 242 -0.25 12.04 4.50
N GLN A 243 -0.36 10.75 4.85
N GLN A 243 -0.35 10.76 4.86
CA GLN A 243 -1.08 9.79 4.02
CA GLN A 243 -1.09 9.80 4.04
C GLN A 243 -2.61 9.89 4.09
C GLN A 243 -2.60 10.05 4.05
N ILE A 244 -3.20 10.34 5.21
CA ILE A 244 -4.66 10.51 5.23
C ILE A 244 -5.09 11.63 4.29
N THR A 245 -4.40 12.78 4.34
CA THR A 245 -4.69 13.86 3.40
C THR A 245 -4.37 13.46 1.94
N ALA A 246 -3.27 12.73 1.70
CA ALA A 246 -2.96 12.27 0.35
C ALA A 246 -4.07 11.38 -0.23
N ILE A 247 -4.63 10.47 0.60
CA ILE A 247 -5.71 9.60 0.13
C ILE A 247 -6.97 10.41 -0.15
N LEU A 248 -7.34 11.33 0.78
CA LEU A 248 -8.51 12.17 0.56
C LEU A 248 -8.42 12.94 -0.75
N GLU A 249 -7.24 13.50 -1.07
CA GLU A 249 -7.08 14.27 -2.29
C GLU A 249 -7.09 13.39 -3.54
N ALA A 250 -6.40 12.25 -3.50
CA ALA A 250 -6.40 11.35 -4.65
C ALA A 250 -7.80 10.80 -4.94
N VAL A 251 -8.57 10.48 -3.88
CA VAL A 251 -9.92 9.95 -4.03
C VAL A 251 -10.84 10.99 -4.67
N ALA A 252 -10.62 12.27 -4.38
CA ALA A 252 -11.45 13.32 -4.98
C ALA A 252 -11.34 13.34 -6.51
N ALA A 253 -10.24 12.84 -7.08
CA ALA A 253 -10.08 12.71 -8.52
C ALA A 253 -10.50 11.33 -9.02
N CYS A 254 -10.20 10.27 -8.26
CA CYS A 254 -10.40 8.89 -8.76
C CYS A 254 -11.83 8.39 -8.58
N ARG A 255 -12.47 8.69 -7.43
CA ARG A 255 -13.82 8.17 -7.20
C ARG A 255 -14.82 8.63 -8.26
N PRO A 256 -14.86 9.91 -8.65
CA PRO A 256 -15.82 10.32 -9.69
C PRO A 256 -15.59 9.64 -11.04
N ALA A 257 -14.38 9.14 -11.28
CA ALA A 257 -14.06 8.42 -12.50
C ALA A 257 -14.21 6.90 -12.38
N GLY A 258 -14.59 6.39 -11.20
CA GLY A 258 -14.69 4.95 -11.00
C GLY A 258 -13.37 4.19 -11.01
N VAL A 259 -12.29 4.81 -10.55
CA VAL A 259 -10.96 4.19 -10.54
C VAL A 259 -10.56 3.90 -9.09
N PRO A 260 -10.31 2.63 -8.72
CA PRO A 260 -9.95 2.34 -7.32
C PRO A 260 -8.59 2.89 -6.92
N VAL A 261 -8.45 3.22 -5.62
CA VAL A 261 -7.21 3.73 -5.03
C VAL A 261 -6.58 2.69 -4.09
N ILE A 262 -5.28 2.43 -4.26
CA ILE A 262 -4.48 1.56 -3.39
C ILE A 262 -3.66 2.44 -2.43
N ALA A 263 -3.89 2.32 -1.12
CA ALA A 263 -3.12 3.05 -0.11
C ALA A 263 -1.81 2.31 0.21
N ASP A 264 -0.65 2.89 -0.17
CA ASP A 264 0.66 2.20 -0.11
C ASP A 264 1.66 2.90 0.82
N GLY A 265 1.90 2.34 2.01
CA GLY A 265 2.95 2.77 2.92
C GLY A 265 2.45 3.44 4.19
N GLY A 266 3.19 3.26 5.28
CA GLY A 266 2.89 3.90 6.55
C GLY A 266 1.91 3.17 7.47
N LEU A 267 1.35 2.05 7.05
CA LEU A 267 0.40 1.32 7.90
C LEU A 267 1.18 0.52 8.94
N GLN A 268 0.91 0.79 10.22
CA GLN A 268 1.63 0.15 11.32
C GLN A 268 0.79 -0.82 12.15
N TYR A 269 -0.54 -0.70 12.11
CA TYR A 269 -1.45 -1.48 12.94
C TYR A 269 -2.66 -1.88 12.11
N SER A 270 -3.40 -2.91 12.57
CA SER A 270 -4.61 -3.29 11.85
C SER A 270 -5.60 -2.13 11.75
N GLY A 271 -5.67 -1.30 12.79
CA GLY A 271 -6.57 -0.14 12.74
C GLY A 271 -6.25 0.84 11.63
N ASP A 272 -4.99 0.89 11.18
CA ASP A 272 -4.63 1.78 10.09
C ASP A 272 -5.27 1.34 8.76
N ILE A 273 -5.52 0.03 8.59
CA ILE A 273 -6.23 -0.45 7.41
C ILE A 273 -7.64 0.14 7.37
N ALA A 274 -8.35 0.10 8.50
CA ALA A 274 -9.70 0.67 8.53
C ALA A 274 -9.68 2.18 8.27
N LYS A 275 -8.67 2.89 8.80
CA LYS A 275 -8.60 4.33 8.55
C LYS A 275 -8.36 4.65 7.07
N ALA A 276 -7.47 3.89 6.41
CA ALA A 276 -7.16 4.12 5.00
C ALA A 276 -8.39 3.92 4.12
N LEU A 277 -9.15 2.86 4.38
CA LEU A 277 -10.34 2.57 3.57
C LEU A 277 -11.46 3.58 3.84
N ALA A 278 -11.61 4.01 5.11
CA ALA A 278 -12.60 5.05 5.41
C ALA A 278 -12.26 6.37 4.72
N ALA A 279 -10.98 6.70 4.53
CA ALA A 279 -10.60 7.88 3.78
C ALA A 279 -10.91 7.76 2.29
N GLY A 280 -11.33 6.58 1.81
CA GLY A 280 -11.74 6.41 0.43
C GLY A 280 -10.94 5.41 -0.39
N ALA A 281 -9.81 4.90 0.11
CA ALA A 281 -9.08 3.84 -0.60
C ALA A 281 -9.93 2.57 -0.68
N SER A 282 -9.63 1.72 -1.68
CA SER A 282 -10.30 0.44 -1.86
C SER A 282 -9.47 -0.77 -1.41
N THR A 283 -8.13 -0.67 -1.42
CA THR A 283 -7.24 -1.70 -0.85
C THR A 283 -6.05 -1.00 -0.20
N ALA A 284 -5.25 -1.78 0.56
CA ALA A 284 -4.02 -1.28 1.17
C ALA A 284 -2.85 -2.21 0.84
N MET A 285 -1.66 -1.63 0.61
CA MET A 285 -0.43 -2.36 0.34
C MET A 285 0.49 -2.30 1.55
N LEU A 286 1.04 -3.46 1.95
CA LEU A 286 1.77 -3.63 3.22
C LEU A 286 3.18 -4.17 2.98
N GLY A 287 4.17 -3.49 3.57
CA GLY A 287 5.53 -3.98 3.59
C GLY A 287 5.96 -4.46 4.96
N SER A 288 6.17 -3.53 5.90
N SER A 288 6.14 -3.54 5.92
CA SER A 288 6.67 -3.88 7.22
CA SER A 288 6.71 -3.93 7.22
C SER A 288 5.82 -4.94 7.90
C SER A 288 5.80 -4.90 7.98
N LEU A 289 4.49 -4.79 7.84
CA LEU A 289 3.60 -5.72 8.57
C LEU A 289 3.66 -7.15 8.05
N LEU A 290 4.16 -7.36 6.82
CA LEU A 290 4.29 -8.71 6.27
C LEU A 290 5.74 -9.18 6.15
N ALA A 291 6.73 -8.29 6.24
CA ALA A 291 8.13 -8.69 6.18
C ALA A 291 8.54 -9.64 7.29
N GLY A 292 7.86 -9.64 8.43
CA GLY A 292 8.29 -10.58 9.45
C GLY A 292 7.81 -12.02 9.32
N THR A 293 7.07 -12.37 8.27
CA THR A 293 6.41 -13.66 8.23
C THR A 293 7.31 -14.75 7.63
N ALA A 294 6.93 -16.01 7.89
CA ALA A 294 7.72 -17.15 7.40
C ALA A 294 7.86 -17.13 5.89
N GLU A 295 6.82 -16.65 5.17
CA GLU A 295 6.80 -16.71 3.71
C GLU A 295 7.62 -15.61 3.05
N ALA A 296 8.00 -14.56 3.77
CA ALA A 296 8.82 -13.51 3.21
C ALA A 296 10.24 -14.03 2.92
N PRO A 297 10.89 -13.53 1.86
CA PRO A 297 12.25 -14.00 1.56
C PRO A 297 13.22 -13.62 2.66
N GLY A 298 14.26 -14.42 2.82
CA GLY A 298 15.27 -14.16 3.82
C GLY A 298 15.26 -15.21 4.94
N GLU A 299 16.36 -15.27 5.67
CA GLU A 299 16.55 -16.25 6.74
C GLU A 299 16.28 -15.63 8.10
N LEU A 300 15.85 -16.48 9.03
CA LEU A 300 15.62 -16.02 10.39
C LEU A 300 16.92 -15.52 11.00
N ILE A 301 16.81 -14.55 11.91
CA ILE A 301 17.96 -13.97 12.60
C ILE A 301 17.73 -14.13 14.10
N PHE A 302 18.45 -15.06 14.72
CA PHE A 302 18.43 -15.24 16.16
C PHE A 302 19.51 -14.37 16.78
N VAL A 303 19.11 -13.30 17.46
CA VAL A 303 20.04 -12.41 18.12
C VAL A 303 19.49 -12.08 19.50
N ASN A 304 20.33 -12.26 20.52
CA ASN A 304 19.96 -11.96 21.91
C ASN A 304 18.65 -12.65 22.31
N GLY A 305 18.54 -13.93 21.94
CA GLY A 305 17.40 -14.72 22.34
C GLY A 305 16.10 -14.45 21.61
N LYS A 306 16.04 -13.37 20.83
CA LYS A 306 14.85 -13.05 20.04
C LYS A 306 15.14 -13.27 18.56
N GLN A 307 14.08 -13.32 17.76
CA GLN A 307 14.16 -13.67 16.35
C GLN A 307 13.69 -12.50 15.50
N TYR A 308 14.41 -12.25 14.39
CA TYR A 308 14.13 -11.14 13.49
C TYR A 308 14.32 -11.60 12.05
N LYS A 309 13.96 -10.72 11.11
CA LYS A 309 14.25 -10.91 9.70
C LYS A 309 14.60 -9.58 9.06
N SER A 310 15.44 -9.63 8.02
CA SER A 310 15.88 -8.42 7.33
C SER A 310 14.74 -7.77 6.55
N TYR A 311 14.73 -6.43 6.54
CA TYR A 311 13.76 -5.63 5.80
C TYR A 311 14.44 -4.35 5.33
N ARG A 312 14.39 -4.05 4.02
CA ARG A 312 15.16 -2.93 3.47
C ARG A 312 14.40 -2.21 2.36
N GLY A 313 14.61 -0.90 2.25
CA GLY A 313 14.04 -0.15 1.14
C GLY A 313 14.67 -0.52 -0.20
N MET A 314 13.87 -0.43 -1.26
CA MET A 314 14.40 -0.66 -2.60
C MET A 314 15.27 0.49 -3.10
N GLY A 315 15.29 1.63 -2.40
CA GLY A 315 16.20 2.73 -2.66
C GLY A 315 17.32 2.83 -1.64
N SER A 316 17.55 1.75 -0.88
CA SER A 316 18.70 1.65 0.01
C SER A 316 19.98 1.32 -0.78
N LEU A 317 21.12 1.61 -0.16
CA LEU A 317 22.41 1.34 -0.80
C LEU A 317 22.55 -0.15 -1.16
N GLY A 318 22.11 -1.04 -0.26
CA GLY A 318 22.26 -2.46 -0.53
C GLY A 318 21.36 -2.97 -1.65
N ALA A 319 20.15 -2.43 -1.75
CA ALA A 319 19.25 -2.85 -2.83
C ALA A 319 19.72 -2.30 -4.18
N MET A 320 20.20 -1.06 -4.21
CA MET A 320 20.68 -0.48 -5.46
C MET A 320 21.96 -1.14 -5.94
N ARG A 321 22.62 -1.93 -5.10
CA ARG A 321 23.80 -2.69 -5.50
C ARG A 321 23.51 -4.19 -5.44
N LEU A 345 22.44 8.02 -7.90
CA LEU A 345 21.46 8.51 -6.92
C LEU A 345 21.91 8.30 -5.49
N VAL A 346 21.67 9.29 -4.65
CA VAL A 346 21.89 9.10 -3.21
C VAL A 346 20.74 8.24 -2.69
N PRO A 347 20.98 7.39 -1.70
CA PRO A 347 19.90 6.51 -1.22
C PRO A 347 18.74 7.26 -0.58
N GLU A 348 17.55 6.66 -0.68
CA GLU A 348 16.32 7.18 -0.04
C GLU A 348 15.61 6.09 0.76
N GLY A 349 16.36 5.09 1.23
CA GLY A 349 15.83 4.08 2.13
C GLY A 349 16.93 3.53 3.01
N ILE A 350 16.52 2.79 4.05
CA ILE A 350 17.45 2.20 5.00
C ILE A 350 17.38 0.67 4.92
N GLU A 351 18.38 0.03 5.53
CA GLU A 351 18.43 -1.42 5.68
C GLU A 351 18.32 -1.75 7.16
N GLY A 352 17.36 -2.59 7.52
CA GLY A 352 17.08 -2.88 8.92
C GLY A 352 16.52 -4.26 9.14
N ARG A 353 15.72 -4.40 10.21
CA ARG A 353 15.16 -5.69 10.59
C ARG A 353 13.84 -5.45 11.31
N VAL A 354 13.01 -6.49 11.33
CA VAL A 354 11.74 -6.46 12.04
C VAL A 354 11.60 -7.76 12.83
N PRO A 355 10.77 -7.76 13.87
CA PRO A 355 10.55 -9.00 14.64
C PRO A 355 9.87 -10.07 13.79
N PHE A 356 10.23 -11.32 14.08
CA PHE A 356 9.59 -12.47 13.43
C PHE A 356 8.16 -12.63 13.92
N ARG A 357 7.24 -12.87 12.99
CA ARG A 357 5.81 -12.89 13.31
C ARG A 357 5.09 -14.19 12.99
N GLY A 358 5.78 -15.22 12.48
CA GLY A 358 5.13 -16.50 12.24
C GLY A 358 4.48 -16.63 10.87
N PRO A 359 3.54 -17.55 10.73
CA PRO A 359 2.93 -17.81 9.41
C PRO A 359 2.11 -16.63 8.93
N LEU A 360 2.15 -16.41 7.60
CA LEU A 360 1.35 -15.35 6.99
C LEU A 360 -0.12 -15.50 7.33
N SER A 361 -0.66 -16.73 7.21
CA SER A 361 -2.08 -16.94 7.42
C SER A 361 -2.53 -16.40 8.77
N SER A 362 -1.69 -16.55 9.80
CA SER A 362 -2.03 -16.04 11.12
C SER A 362 -1.99 -14.52 11.18
N VAL A 363 -1.04 -13.89 10.50
CA VAL A 363 -0.99 -12.44 10.51
C VAL A 363 -2.20 -11.86 9.79
N ILE A 364 -2.57 -12.42 8.62
CA ILE A 364 -3.73 -11.90 7.90
C ILE A 364 -5.01 -12.07 8.72
N HIS A 365 -5.11 -13.15 9.50
CA HIS A 365 -6.29 -13.33 10.35
C HIS A 365 -6.42 -12.20 11.38
N GLN A 366 -5.30 -11.81 12.00
CA GLN A 366 -5.35 -10.72 12.97
C GLN A 366 -5.68 -9.40 12.31
N LEU A 367 -5.11 -9.14 11.12
CA LEU A 367 -5.38 -7.89 10.42
C LEU A 367 -6.84 -7.78 10.00
N THR A 368 -7.39 -8.85 9.40
CA THR A 368 -8.81 -8.79 9.00
C THR A 368 -9.74 -8.76 10.20
N GLY A 369 -9.34 -9.37 11.33
CA GLY A 369 -10.17 -9.29 12.53
C GLY A 369 -10.30 -7.87 13.05
N GLY A 370 -9.21 -7.09 12.99
CA GLY A 370 -9.30 -5.69 13.38
C GLY A 370 -10.17 -4.87 12.45
N LEU A 371 -10.04 -5.10 11.14
CA LEU A 371 -10.93 -4.46 10.16
C LEU A 371 -12.40 -4.81 10.44
N ARG A 372 -12.70 -6.08 10.71
CA ARG A 372 -14.09 -6.47 11.02
C ARG A 372 -14.62 -5.76 12.27
N ALA A 373 -13.78 -5.56 13.29
CA ALA A 373 -14.21 -4.81 14.49
C ALA A 373 -14.60 -3.39 14.12
N ALA A 374 -13.77 -2.70 13.32
CA ALA A 374 -14.09 -1.35 12.88
C ALA A 374 -15.40 -1.31 12.10
N MET A 375 -15.69 -2.35 11.30
CA MET A 375 -16.94 -2.34 10.54
C MET A 375 -18.15 -2.47 11.47
N GLY A 376 -18.02 -3.27 12.54
CA GLY A 376 -19.07 -3.31 13.55
C GLY A 376 -19.31 -1.97 14.25
N TYR A 377 -18.23 -1.31 14.69
CA TYR A 377 -18.35 -0.03 15.40
C TYR A 377 -18.97 1.07 14.53
N THR A 378 -18.67 1.07 13.22
CA THR A 378 -19.13 2.13 12.32
C THR A 378 -20.42 1.79 11.58
N GLY A 379 -20.99 0.60 11.80
CA GLY A 379 -22.22 0.22 11.12
C GLY A 379 -22.06 -0.02 9.62
N SER A 380 -20.92 -0.58 9.20
CA SER A 380 -20.61 -0.77 7.78
C SER A 380 -20.74 -2.24 7.40
N PRO A 381 -21.76 -2.66 6.64
CA PRO A 381 -21.84 -4.07 6.24
C PRO A 381 -20.89 -4.44 5.11
N THR A 382 -20.36 -3.45 4.38
CA THR A 382 -19.48 -3.65 3.22
C THR A 382 -18.39 -2.58 3.26
N ILE A 383 -17.35 -2.78 2.45
CA ILE A 383 -16.27 -1.79 2.34
C ILE A 383 -16.80 -0.51 1.69
N GLU A 384 -17.75 -0.62 0.78
CA GLU A 384 -18.32 0.58 0.17
C GLU A 384 -19.01 1.49 1.20
N VAL A 385 -19.61 0.91 2.25
CA VAL A 385 -20.20 1.73 3.31
C VAL A 385 -19.13 2.26 4.26
N LEU A 386 -18.08 1.48 4.51
CA LEU A 386 -16.98 1.98 5.34
C LEU A 386 -16.34 3.24 4.74
N GLN A 387 -16.31 3.33 3.40
CA GLN A 387 -15.76 4.51 2.72
C GLN A 387 -16.54 5.79 2.98
N GLN A 388 -17.72 5.69 3.63
CA GLN A 388 -18.53 6.84 4.01
C GLN A 388 -18.43 7.21 5.49
N ALA A 389 -17.55 6.57 6.27
CA ALA A 389 -17.47 6.82 7.71
C ALA A 389 -16.78 8.17 8.01
N GLN A 390 -16.93 8.65 9.25
CA GLN A 390 -16.40 9.95 9.68
C GLN A 390 -15.27 9.80 10.69
N PHE A 391 -14.35 10.78 10.70
CA PHE A 391 -13.22 10.86 11.62
C PHE A 391 -13.42 11.92 12.71
N VAL A 392 -12.74 11.73 13.85
CA VAL A 392 -12.47 12.81 14.79
C VAL A 392 -10.95 13.02 14.83
N ARG A 393 -10.52 14.29 14.84
CA ARG A 393 -9.09 14.60 14.91
C ARG A 393 -8.65 14.62 16.37
N ILE A 394 -7.42 14.16 16.63
CA ILE A 394 -6.93 14.12 18.01
C ILE A 394 -5.65 14.94 18.14
N THR A 395 -5.36 15.31 19.38
CA THR A 395 -4.17 16.11 19.73
C THR A 395 -3.02 15.18 20.11
N PRO A 396 -1.84 15.75 20.32
CA PRO A 396 -0.74 14.93 20.85
C PRO A 396 -1.05 14.25 22.17
N ALA A 397 -1.86 14.88 23.02
CA ALA A 397 -2.21 14.24 24.29
C ALA A 397 -3.06 13.00 24.08
N GLY A 398 -3.90 12.97 23.04
CA GLY A 398 -4.75 11.84 22.78
C GLY A 398 -4.00 10.66 22.19
N LEU A 399 -3.03 10.95 21.33
CA LEU A 399 -2.25 9.89 20.71
C LEU A 399 -1.42 9.15 21.76
N LYS A 400 -0.62 9.90 22.53
CA LYS A 400 0.35 9.29 23.44
C LYS A 400 -0.27 8.26 24.38
N GLU A 401 -1.58 8.34 24.62
CA GLU A 401 -2.27 7.40 25.50
C GLU A 401 -2.91 6.23 24.75
N SER A 402 -2.93 6.28 23.41
CA SER A 402 -3.52 5.17 22.64
C SER A 402 -2.60 3.95 22.62
N HIS A 403 -1.30 4.16 22.56
CA HIS A 403 -0.36 3.07 22.82
C HIS A 403 -0.44 2.72 24.31
N PRO A 404 -0.71 1.45 24.67
CA PRO A 404 -1.17 1.13 26.03
C PRO A 404 -0.58 2.02 27.11
N HIS A 405 -1.40 2.91 27.67
CA HIS A 405 -0.89 3.99 28.52
C HIS A 405 -0.89 3.54 29.98
N ASP A 406 0.30 3.43 30.55
CA ASP A 406 0.52 3.33 32.00
C ASP A 406 -0.11 2.06 32.59
N VAL A 407 0.37 0.92 32.10
CA VAL A 407 0.11 -0.39 32.70
C VAL A 407 1.21 -1.34 32.26
N ALA A 408 2.12 -1.68 33.18
CA ALA A 408 3.19 -2.60 32.88
C ALA A 408 2.64 -3.86 32.21
N MET A 409 2.78 -3.95 30.89
CA MET A 409 2.31 -5.12 30.15
C MET A 409 3.14 -6.33 30.51
N THR A 410 2.47 -7.44 30.81
CA THR A 410 3.15 -8.65 31.28
C THR A 410 2.98 -9.86 30.37
N VAL A 411 1.95 -9.89 29.51
CA VAL A 411 1.70 -11.04 28.66
C VAL A 411 1.74 -10.61 27.19
N GLU A 412 1.96 -11.59 26.33
CA GLU A 412 2.01 -11.34 24.89
C GLU A 412 0.61 -11.04 24.34
N ALA A 413 0.57 -10.16 23.34
CA ALA A 413 -0.66 -9.83 22.63
C ALA A 413 -0.47 -10.14 21.15
N PRO A 414 -1.42 -10.86 20.52
CA PRO A 414 -1.22 -11.23 19.11
C PRO A 414 -1.35 -10.06 18.15
N ASN A 415 -2.07 -9.01 18.51
CA ASN A 415 -2.30 -7.88 17.62
C ASN A 415 -1.88 -6.56 18.26
P IMP B . 5.68 0.18 4.83
O1P IMP B . 4.53 -0.81 4.66
O2P IMP B . 5.34 1.37 5.78
O3P IMP B . 6.92 -0.58 5.31
O5' IMP B . 6.01 0.76 3.35
C5' IMP B . 6.24 -0.04 2.17
C4' IMP B . 6.27 0.84 0.95
O4' IMP B . 7.42 1.71 0.98
C3' IMP B . 6.43 0.13 -0.38
O3' IMP B . 5.22 -0.53 -0.80
C2' IMP B . 6.88 1.27 -1.31
O2' IMP B . 5.81 2.08 -1.77
C1' IMP B . 7.74 2.11 -0.36
N9 IMP B . 9.21 1.98 -0.56
C8 IMP B . 9.93 0.86 -0.85
N7 IMP B . 11.23 1.06 -0.89
C5 IMP B . 11.37 2.41 -0.59
C6 IMP B . 12.56 3.24 -0.42
O6 IMP B . 13.76 2.89 -0.46
N1 IMP B . 12.22 4.56 -0.10
C2 IMP B . 10.95 5.01 0.05
N3 IMP B . 9.86 4.28 -0.08
C4 IMP B . 10.13 2.98 -0.39
C4 VOA C . 14.36 7.38 -6.14
C7 VOA C . 13.72 9.59 -7.07
C8 VOA C . 13.77 10.96 -6.80
C9 VOA C . 13.24 11.86 -7.72
C10 VOA C . 12.65 11.38 -8.89
C12 VOA C . 13.11 9.18 -8.25
C1 VOA C . 16.48 6.92 -4.93
C15 VOA C . 13.32 4.83 -4.49
C16 VOA C . 13.00 3.51 -4.80
C17 VOA C . 11.76 3.00 -4.59
C18 VOA C . 10.73 3.80 -4.09
C19 VOA C . 11.01 5.16 -3.74
C2 VOA C . 14.96 6.70 -4.91
C20 VOA C . 12.33 5.64 -3.93
C21 VOA C . 9.95 5.96 -3.22
C22 VOA C . 8.71 5.41 -3.12
C23 VOA C . 8.50 4.07 -3.49
C25 VOA C . 7.52 6.19 -2.60
C27 VOA C . 8.87 8.15 -2.61
C28 VOA C . 10.19 7.41 -2.85
N11 VOA C . 12.60 10.07 -9.11
N14 VOA C . 14.64 5.27 -4.74
N24 VOA C . 9.48 3.30 -3.92
N6 VOA C . 14.26 8.73 -6.09
O26 VOA C . 7.95 7.35 -1.85
O5 VOA C . 13.99 6.72 -7.11
CL13 VOA C . 11.98 12.49 -10.05
H1 VOA C . 14.23 11.33 -5.89
H2 VOA C . 13.27 12.92 -7.53
H4 VOA C . 13.04 8.13 -8.48
H7 VOA C . 16.96 6.13 -4.37
H6 VOA C . 16.71 7.88 -4.46
H5 VOA C . 16.84 6.92 -5.96
H8 VOA C . 13.77 2.88 -5.23
H9 VOA C . 11.56 1.96 -4.82
H3 VOA C . 14.48 7.18 -4.05
H10 VOA C . 12.58 6.65 -3.64
H11 VOA C . 7.51 3.66 -3.43
H13 VOA C . 6.93 5.55 -1.95
H12 VOA C . 6.91 6.51 -3.44
H14 VOA C . 8.42 8.40 -3.58
H15 VOA C . 9.07 9.07 -2.05
H17 VOA C . 10.73 7.89 -3.67
H16 VOA C . 10.80 7.44 -1.94
H18 VOA C . 15.36 4.62 -4.82
H19 VOA C . 14.60 9.15 -5.28
C4 VOA D . 11.87 5.07 -9.97
C7 VOA D . 11.67 6.23 -12.13
C8 VOA D . 11.53 6.00 -13.49
C9 VOA D . 11.22 7.07 -14.32
C10 VOA D . 11.08 8.33 -13.78
C12 VOA D . 11.56 7.54 -11.66
C1 VOA D . 11.43 3.41 -8.08
C15 VOA D . 14.86 3.46 -8.72
C16 VOA D . 16.07 4.14 -8.46
C17 VOA D . 17.27 3.51 -8.47
C18 VOA D . 17.34 2.13 -8.74
C19 VOA D . 16.14 1.41 -9.01
C2 VOA D . 12.34 3.83 -9.24
C20 VOA D . 14.90 2.09 -8.98
C21 VOA D . 16.24 0.02 -9.28
C22 VOA D . 17.48 -0.56 -9.28
C23 VOA D . 18.61 0.22 -9.01
C25 VOA D . 17.68 -2.03 -9.55
C27 VOA D . 15.33 -2.31 -9.44
C28 VOA D . 15.02 -0.81 -9.56
N11 VOA D . 11.25 8.53 -12.48
N14 VOA D . 13.67 4.19 -8.68
N24 VOA D . 18.51 1.51 -8.75
N6 VOA D . 12.01 5.13 -11.32
O26 VOA D . 16.53 -2.59 -10.17
O5 VOA D . 11.43 6.03 -9.36
CL13 VOA D . 10.70 9.65 -14.86
H1 VOA D . 11.66 5.00 -13.90
H2 VOA D . 11.08 6.91 -15.38
H4 VOA D . 11.72 7.74 -10.61
H7 VOA D . 11.73 2.43 -7.73
H6 VOA D . 10.40 3.36 -8.43
H5 VOA D . 11.52 4.13 -7.27
H8 VOA D . 16.03 5.20 -8.24
H9 VOA D . 18.17 4.06 -8.27
H3 VOA D . 12.36 3.00 -9.93
H10 VOA D . 13.99 1.56 -9.18
H11 VOA D . 19.58 -0.24 -9.01
H13 VOA D . 17.88 -2.55 -8.61
H12 VOA D . 18.54 -2.15 -10.22
H14 VOA D . 14.51 -2.89 -9.85
H15 VOA D . 15.47 -2.57 -8.38
H17 VOA D . 14.67 -0.60 -10.56
H16 VOA D . 14.24 -0.55 -8.85
H18 VOA D . 13.71 5.05 -8.23
H19 VOA D . 12.39 4.34 -11.75
C4 VOA E . 15.17 7.08 -15.28
C7 VOA E . 15.36 7.29 -12.87
C8 VOA E . 16.06 8.49 -12.91
C9 VOA E . 16.33 9.15 -11.72
C10 VOA E . 15.90 8.58 -10.53
C12 VOA E . 14.99 6.77 -11.64
C1 VOA E . 13.43 6.49 -16.96
C15 VOA E . 16.17 4.11 -16.10
C16 VOA E . 16.13 2.72 -16.15
C17 VOA E . 17.27 1.98 -16.11
C18 VOA E . 18.51 2.62 -16.00
C19 VOA E . 18.57 4.03 -15.95
C2 VOA E . 14.85 6.22 -16.47
C20 VOA E . 17.38 4.77 -16.00
C21 VOA E . 19.85 4.65 -15.84
C22 VOA E . 20.95 3.85 -15.79
C23 VOA E . 20.81 2.46 -15.85
C25 VOA E . 22.34 4.42 -15.67
C27 VOA E . 21.30 6.49 -15.10
C28 VOA E . 19.97 6.14 -15.77
N11 VOA E . 15.26 7.43 -10.53
N14 VOA E . 14.95 4.79 -16.15
N24 VOA E . 19.63 1.90 -15.95
N6 VOA E . 15.07 6.56 -14.04
O26 VOA E . 22.35 5.84 -15.83
O5 VOA E . 15.52 8.22 -15.50
CL13 VOA E . 16.25 9.41 -9.04
H1 VOA E . 16.40 8.91 -13.85
H2 VOA E . 16.85 10.09 -11.71
H4 VOA E . 14.47 5.83 -11.59
H7 VOA E . 13.37 6.31 -18.03
H6 VOA E . 13.16 7.53 -16.75
H5 VOA E . 12.74 5.83 -16.45
H8 VOA E . 15.17 2.21 -16.21
H9 VOA E . 17.21 0.90 -16.15
H3 VOA E . 15.58 6.47 -17.24
H10 VOA E . 17.40 5.85 -15.97
H11 VOA E . 21.69 1.84 -15.81
H13 VOA E . 22.98 3.97 -16.44
H12 VOA E . 22.75 4.17 -14.69
H14 VOA E . 21.30 6.14 -14.06
H15 VOA E . 21.46 7.57 -15.12
H17 VOA E . 19.14 6.55 -15.19
H16 VOA E . 19.95 6.55 -16.78
H18 VOA E . 14.13 4.30 -15.96
H19 VOA E . 14.78 5.63 -13.94
S SO4 F . 13.29 2.61 -13.49
O1 SO4 F . 14.23 3.70 -13.15
O2 SO4 F . 13.99 1.33 -13.46
O3 SO4 F . 12.19 2.61 -12.51
O4 SO4 F . 12.75 2.83 -14.82
#